data_9GJ1
#
_entry.id   9GJ1
#
_cell.length_a   54.037
_cell.length_b   88.143
_cell.length_c   119.761
_cell.angle_alpha   90
_cell.angle_beta   90
_cell.angle_gamma   90
#
_symmetry.space_group_name_H-M   'P 21 21 21'
#
loop_
_entity.id
_entity.type
_entity.pdbx_description
1 polymer 'Glutamate receptor'
2 polymer 'Isoform 1 of Glutamate receptor ionotropic, NMDA 1'
3 non-polymer 'GLUTAMIC ACID'
4 non-polymer GLYCEROL
5 non-polymer '(2~{R})-2-azanyl-3-[(7-methylthieno[3,2-b]pyridin-2-yl)carbonylamino]propanoic acid'
6 water water
#
loop_
_entity_poly.entity_id
_entity_poly.type
_entity_poly.pdbx_seq_one_letter_code
_entity_poly.pdbx_strand_id
1 'polypeptide(L)'
;GSPDDNHLSIVTLEEAPFVIVEDIDPLTETCVRNTVPCRKFVKINNSTNEGMNVKKCCKGFCIDILKKLSRTVKFTYDLY
LVTNGKHGKKVNNVWNGMIGEVVYQRAVMAVGSLTINEERSEVVDFSVPFVETGISVMVSRGTQVTGLSDKKFQRPHDYS
PPFRFGTVPNGSTERNIRNNYPYMHQYMTRFNQRGVEDALVSLKTGKLDAFIYDAAVLNYKAGRDEGCKLVTIGSGYIFA
TTGYGIALQKGSPWKRQIDLALLQFVGDGEMEELETLWLTGICHN
;
A
2 'polypeptide(L)'
;MSTRLKIVTIHQEPFVYVKPTLSDGTCKEEFTVNGDPVKKVICTGPNDTSPGSPRHTVPQCCYGFCIDLLIKLARTMNFT
YEVHLVADGKFGTQERVNNSNKKEWNGMMGELLSGQADMIVAPLTINNERAQYIEFSKPFKYQGLTILVKKGTRITGIND
PRLRNPSDKFIYATVKQSSVDIYFRRQVELSTMYRHMEKHNYESAAEAIQAVRDNKLHAFIWDSAVLEFEASQKCDLVTT
GELFFRSGFGIGMRKDSPWKQNVSLSILKSHENGFMEDLDKTWVRYQECDS
;
B
#
loop_
_chem_comp.id
_chem_comp.type
_chem_comp.name
_chem_comp.formula
A1IME non-polymer '(2~{R})-2-azanyl-3-[(7-methylthieno[3,2-b]pyridin-2-yl)carbonylamino]propanoic acid' 'C12 H13 N3 O3 S'
GOL non-polymer GLYCEROL 'C3 H8 O3'
#
# COMPACT_ATOMS: atom_id res chain seq x y z
N ASP A 4 13.60 -4.07 31.79
CA ASP A 4 14.31 -3.65 30.54
C ASP A 4 13.30 -3.09 29.54
N ASP A 5 13.27 -1.76 29.39
CA ASP A 5 12.36 -1.05 28.49
C ASP A 5 12.69 -1.31 27.01
N ASN A 6 13.91 -1.82 26.77
CA ASN A 6 14.42 -2.16 25.46
C ASN A 6 14.11 -3.60 25.04
N HIS A 7 13.48 -4.39 25.91
CA HIS A 7 13.29 -5.82 25.71
C HIS A 7 11.79 -6.06 25.56
N LEU A 8 11.37 -6.57 24.40
CA LEU A 8 9.97 -6.49 24.02
C LEU A 8 9.37 -7.88 23.86
N SER A 9 8.15 -8.03 24.32
CA SER A 9 7.35 -9.23 24.02
C SER A 9 6.71 -9.09 22.66
N ILE A 10 6.96 -10.03 21.73
CA ILE A 10 6.51 -9.99 20.35
C ILE A 10 5.81 -11.30 20.00
N VAL A 11 4.60 -11.17 19.44
CA VAL A 11 3.81 -12.31 19.04
C VAL A 11 3.85 -12.49 17.51
N THR A 12 3.83 -13.75 17.07
CA THR A 12 3.70 -14.07 15.66
C THR A 12 2.74 -15.27 15.52
N LEU A 13 2.63 -15.74 14.27
CA LEU A 13 1.70 -16.77 13.86
C LEU A 13 2.32 -17.41 12.62
N GLU A 14 2.26 -18.74 12.55
CA GLU A 14 2.78 -19.45 11.39
C GLU A 14 1.87 -19.19 10.18
N GLU A 15 2.48 -18.78 9.08
CA GLU A 15 1.82 -18.74 7.77
C GLU A 15 2.93 -18.59 6.71
N ALA A 16 3.34 -19.71 6.10
CA ALA A 16 4.44 -19.62 5.13
C ALA A 16 4.01 -18.78 3.93
N PRO A 17 4.92 -18.00 3.28
CA PRO A 17 6.33 -17.91 3.60
C PRO A 17 6.68 -16.74 4.52
N PHE A 18 5.66 -16.13 5.12
CA PHE A 18 5.88 -14.99 6.01
C PHE A 18 6.47 -15.42 7.34
N VAL A 19 5.90 -16.49 7.95
CA VAL A 19 6.38 -17.05 9.19
C VAL A 19 6.33 -18.57 9.06
N ILE A 20 7.49 -19.19 9.18
CA ILE A 20 7.66 -20.65 9.08
C ILE A 20 8.25 -21.14 10.39
N VAL A 21 7.64 -22.18 10.95
CA VAL A 21 8.04 -22.70 12.22
C VAL A 21 8.69 -24.06 12.04
N GLU A 22 9.84 -24.25 12.68
CA GLU A 22 10.53 -25.53 12.67
C GLU A 22 10.87 -25.98 14.08
N ASP A 23 11.09 -27.29 14.22
CA ASP A 23 11.50 -27.85 15.48
C ASP A 23 12.96 -27.54 15.72
N ILE A 24 13.28 -27.36 16.99
CA ILE A 24 14.65 -27.13 17.43
C ILE A 24 15.34 -28.47 17.40
N ASP A 25 16.60 -28.50 16.97
CA ASP A 25 17.39 -29.70 17.15
C ASP A 25 17.37 -30.06 18.63
N PRO A 26 16.86 -31.26 19.06
CA PRO A 26 16.70 -31.56 20.49
C PRO A 26 18.03 -31.74 21.24
N LEU A 27 19.08 -32.09 20.48
CA LEU A 27 20.41 -32.31 20.99
C LEU A 27 21.01 -31.00 21.50
N THR A 28 20.84 -29.91 20.74
CA THR A 28 21.46 -28.63 21.07
C THR A 28 20.48 -27.69 21.76
N GLU A 29 19.19 -27.80 21.41
CA GLU A 29 18.17 -26.87 21.88
C GLU A 29 18.54 -25.44 21.45
N THR A 30 19.19 -25.35 20.27
CA THR A 30 19.57 -24.08 19.67
C THR A 30 19.08 -24.08 18.23
N CYS A 31 18.58 -22.94 17.79
CA CYS A 31 18.05 -22.85 16.44
C CYS A 31 19.21 -22.69 15.46
N VAL A 32 19.04 -23.31 14.30
CA VAL A 32 20.07 -23.26 13.29
C VAL A 32 20.22 -21.81 12.83
N ARG A 33 21.40 -21.50 12.25
CA ARG A 33 21.76 -20.17 11.82
C ARG A 33 20.66 -19.60 10.92
N ASN A 34 20.34 -18.31 11.11
CA ASN A 34 19.39 -17.62 10.23
C ASN A 34 17.94 -17.74 10.74
N THR A 35 17.69 -18.62 11.72
CA THR A 35 16.36 -18.74 12.30
C THR A 35 16.42 -18.03 13.64
N VAL A 36 15.24 -17.76 14.23
CA VAL A 36 15.19 -17.07 15.51
C VAL A 36 14.36 -17.91 16.49
N PRO A 37 14.75 -17.97 17.78
CA PRO A 37 13.99 -18.73 18.75
C PRO A 37 12.60 -18.16 18.90
N CYS A 38 11.63 -19.06 19.00
CA CYS A 38 10.25 -18.67 19.22
C CYS A 38 9.59 -19.73 20.08
N ARG A 39 8.88 -19.30 21.10
CA ARG A 39 8.28 -20.25 22.02
C ARG A 39 6.81 -20.43 21.68
N LYS A 40 6.32 -21.65 21.93
CA LYS A 40 4.93 -21.99 21.74
C LYS A 40 4.43 -22.67 23.00
N PHE A 41 3.42 -22.10 23.64
CA PHE A 41 2.84 -22.67 24.84
C PHE A 41 1.93 -23.84 24.44
N VAL A 42 2.25 -25.03 24.93
CA VAL A 42 1.59 -26.27 24.55
C VAL A 42 0.97 -26.89 25.81
N LYS A 43 -0.33 -27.11 25.76
CA LYS A 43 -1.05 -27.58 26.94
C LYS A 43 -0.77 -29.07 27.22
N ILE A 44 -0.85 -29.40 28.50
CA ILE A 44 -0.68 -30.78 28.96
C ILE A 44 -1.86 -31.64 28.54
N ASN A 45 -3.07 -31.10 28.62
CA ASN A 45 -4.28 -31.79 28.20
C ASN A 45 -5.31 -30.73 27.86
N ASN A 46 -6.51 -31.16 27.43
CA ASN A 46 -7.64 -30.28 27.16
C ASN A 46 -8.39 -29.76 28.38
N SER A 47 -8.17 -30.31 29.56
CA SER A 47 -8.95 -29.88 30.71
C SER A 47 -8.15 -28.92 31.59
N THR A 48 -7.17 -28.21 31.03
CA THR A 48 -6.20 -27.56 31.89
C THR A 48 -5.64 -26.30 31.24
N ASN A 49 -5.20 -25.38 32.10
CA ASN A 49 -4.40 -24.25 31.66
C ASN A 49 -2.92 -24.60 31.78
N GLU A 50 -2.64 -25.77 32.33
CA GLU A 50 -1.27 -26.19 32.55
C GLU A 50 -0.63 -26.50 31.19
N GLY A 51 0.63 -26.12 31.03
CA GLY A 51 1.32 -26.31 29.76
C GLY A 51 2.80 -26.06 29.93
N MET A 52 3.54 -26.24 28.85
CA MET A 52 4.93 -25.90 28.85
C MET A 52 5.27 -25.12 27.59
N ASN A 53 6.21 -24.19 27.73
CA ASN A 53 6.70 -23.48 26.57
C ASN A 53 7.62 -24.44 25.84
N VAL A 54 7.37 -24.62 24.56
CA VAL A 54 8.23 -25.42 23.73
C VAL A 54 9.09 -24.46 22.91
N LYS A 55 10.40 -24.70 22.94
CA LYS A 55 11.34 -23.91 22.16
C LYS A 55 11.22 -24.32 20.71
N LYS A 56 10.86 -23.36 19.85
CA LYS A 56 10.80 -23.62 18.42
C LYS A 56 11.70 -22.60 17.72
N CYS A 57 11.76 -22.70 16.39
CA CYS A 57 12.61 -21.85 15.57
C CYS A 57 11.80 -21.29 14.44
N CYS A 58 11.85 -19.97 14.24
CA CYS A 58 11.02 -19.25 13.30
C CYS A 58 11.90 -18.61 12.23
N LYS A 59 11.39 -18.60 11.00
CA LYS A 59 12.03 -17.90 9.91
C LYS A 59 10.98 -17.42 8.92
N GLY A 60 11.40 -16.72 7.88
CA GLY A 60 10.47 -16.27 6.86
C GLY A 60 10.59 -14.77 6.61
N PHE A 61 9.81 -14.30 5.67
CA PHE A 61 9.88 -12.91 5.24
C PHE A 61 9.66 -11.99 6.44
N CYS A 62 8.61 -12.25 7.24
CA CYS A 62 8.33 -11.36 8.37
C CYS A 62 9.37 -11.48 9.48
N ILE A 63 9.97 -12.66 9.64
CA ILE A 63 11.01 -12.81 10.66
C ILE A 63 12.28 -12.03 10.25
N ASP A 64 12.57 -12.01 8.95
CA ASP A 64 13.66 -11.18 8.45
C ASP A 64 13.38 -9.70 8.68
N ILE A 65 12.12 -9.25 8.51
CA ILE A 65 11.78 -7.87 8.87
C ILE A 65 12.03 -7.60 10.35
N LEU A 66 11.60 -8.53 11.21
CA LEU A 66 11.83 -8.41 12.65
C LEU A 66 13.32 -8.30 12.98
N LYS A 67 14.16 -9.14 12.37
CA LYS A 67 15.58 -9.06 12.61
C LYS A 67 16.11 -7.67 12.22
N LYS A 68 15.69 -7.17 11.04
CA LYS A 68 16.11 -5.86 10.57
C LYS A 68 15.66 -4.76 11.53
N LEU A 69 14.41 -4.83 12.00
CA LEU A 69 13.86 -3.86 12.95
C LEU A 69 14.67 -3.88 14.24
N SER A 70 14.96 -5.11 14.73
CA SER A 70 15.65 -5.27 15.99
C SER A 70 17.03 -4.58 15.91
N ARG A 71 17.76 -4.80 14.81
CA ARG A 71 19.07 -4.17 14.56
C ARG A 71 18.93 -2.66 14.41
N THR A 72 17.96 -2.18 13.63
CA THR A 72 17.88 -0.77 13.27
C THR A 72 17.31 0.07 14.41
N VAL A 73 16.25 -0.41 15.07
CA VAL A 73 15.53 0.32 16.12
C VAL A 73 16.16 0.02 17.48
N LYS A 74 16.96 -1.06 17.54
CA LYS A 74 17.81 -1.35 18.70
C LYS A 74 16.99 -1.84 19.90
N PHE A 75 16.22 -2.90 19.69
CA PHE A 75 15.51 -3.55 20.77
C PHE A 75 15.90 -5.01 20.72
N THR A 76 15.75 -5.68 21.87
CA THR A 76 15.80 -7.13 21.93
C THR A 76 14.36 -7.62 22.13
N TYR A 77 14.16 -8.93 21.98
CA TYR A 77 12.81 -9.42 22.12
C TYR A 77 12.74 -10.90 22.48
N ASP A 78 11.60 -11.26 23.08
N ASP A 78 11.53 -11.25 22.94
CA ASP A 78 11.17 -12.64 23.20
CA ASP A 78 11.08 -12.58 23.24
C ASP A 78 9.97 -12.81 22.26
C ASP A 78 9.90 -12.88 22.32
N LEU A 79 10.15 -13.70 21.29
CA LEU A 79 9.17 -14.02 20.28
C LEU A 79 8.39 -15.26 20.73
N TYR A 80 7.06 -15.15 20.65
CA TYR A 80 6.20 -16.30 20.88
C TYR A 80 5.10 -16.42 19.84
N LEU A 81 4.56 -17.64 19.71
CA LEU A 81 3.48 -17.97 18.79
C LEU A 81 2.13 -17.91 19.51
N VAL A 82 1.18 -17.21 18.91
CA VAL A 82 -0.13 -17.08 19.50
C VAL A 82 -0.80 -18.46 19.58
N THR A 83 -1.55 -18.69 20.68
CA THR A 83 -2.24 -19.95 20.84
C THR A 83 -3.76 -19.77 21.01
N ASN A 84 -4.22 -18.53 21.12
CA ASN A 84 -5.61 -18.19 21.33
C ASN A 84 -6.12 -17.61 20.02
N GLY A 85 -6.56 -18.45 19.08
CA GLY A 85 -6.95 -17.91 17.78
C GLY A 85 -5.71 -17.70 16.88
N LYS A 86 -5.92 -16.94 15.81
CA LYS A 86 -4.95 -16.86 14.71
C LYS A 86 -4.61 -15.38 14.51
N HIS A 87 -5.01 -14.77 13.39
CA HIS A 87 -4.61 -13.41 13.08
C HIS A 87 -5.31 -12.43 14.03
N GLY A 88 -6.64 -12.57 14.12
CA GLY A 88 -7.42 -11.72 15.00
C GLY A 88 -8.87 -11.65 14.57
N LYS A 89 -9.74 -11.92 15.54
CA LYS A 89 -11.17 -11.77 15.35
C LYS A 89 -11.77 -11.27 16.67
N LYS A 90 -12.83 -10.47 16.51
CA LYS A 90 -13.57 -9.91 17.64
C LYS A 90 -14.75 -10.85 17.90
N VAL A 91 -14.78 -11.49 19.07
CA VAL A 91 -15.82 -12.41 19.44
C VAL A 91 -16.48 -11.95 20.73
N ASN A 92 -17.79 -11.70 20.65
CA ASN A 92 -18.52 -11.12 21.79
C ASN A 92 -17.77 -9.90 22.31
N ASN A 93 -17.28 -9.08 21.37
CA ASN A 93 -16.64 -7.83 21.70
C ASN A 93 -15.26 -8.02 22.34
N VAL A 94 -14.62 -9.18 22.17
CA VAL A 94 -13.32 -9.42 22.75
C VAL A 94 -12.39 -9.90 21.62
N TRP A 95 -11.28 -9.19 21.42
CA TRP A 95 -10.32 -9.62 20.41
C TRP A 95 -9.54 -10.85 20.83
N ASN A 96 -9.37 -11.79 19.87
CA ASN A 96 -8.47 -12.90 20.03
C ASN A 96 -7.32 -12.80 19.01
N GLY A 97 -6.50 -13.85 18.96
CA GLY A 97 -5.39 -13.92 18.00
C GLY A 97 -4.31 -12.90 18.29
N MET A 98 -3.47 -12.63 17.28
CA MET A 98 -2.37 -11.71 17.46
C MET A 98 -2.91 -10.33 17.89
N ILE A 99 -4.03 -9.87 17.30
CA ILE A 99 -4.59 -8.58 17.66
C ILE A 99 -4.89 -8.55 19.16
N GLY A 100 -5.56 -9.60 19.66
CA GLY A 100 -5.86 -9.74 21.08
C GLY A 100 -4.61 -9.71 21.97
N GLU A 101 -3.52 -10.34 21.56
CA GLU A 101 -2.30 -10.32 22.38
C GLU A 101 -1.84 -8.88 22.58
N VAL A 102 -1.97 -8.06 21.54
CA VAL A 102 -1.51 -6.68 21.60
C VAL A 102 -2.52 -5.86 22.41
N VAL A 103 -3.82 -6.04 22.13
CA VAL A 103 -4.85 -5.28 22.84
C VAL A 103 -4.72 -5.51 24.34
N TYR A 104 -4.53 -6.76 24.76
CA TYR A 104 -4.54 -7.09 26.18
C TYR A 104 -3.14 -7.01 26.75
N GLN A 105 -2.19 -6.43 26.00
CA GLN A 105 -0.88 -6.04 26.50
C GLN A 105 -0.03 -7.25 26.89
N ARG A 106 -0.21 -8.42 26.24
CA ARG A 106 0.71 -9.54 26.42
C ARG A 106 1.87 -9.43 25.43
N ALA A 107 1.63 -8.72 24.33
CA ALA A 107 2.67 -8.43 23.35
C ALA A 107 2.79 -6.92 23.13
N VAL A 108 4.02 -6.42 22.91
CA VAL A 108 4.25 -5.05 22.52
C VAL A 108 3.94 -4.88 21.04
N MET A 109 4.26 -5.91 20.27
CA MET A 109 3.96 -5.86 18.84
C MET A 109 3.65 -7.25 18.32
N ALA A 110 2.97 -7.26 17.18
CA ALA A 110 2.67 -8.48 16.45
C ALA A 110 3.32 -8.36 15.08
N VAL A 111 4.04 -9.41 14.69
CA VAL A 111 4.77 -9.44 13.44
C VAL A 111 4.30 -10.68 12.67
N GLY A 112 3.79 -10.51 11.47
CA GLY A 112 3.36 -11.68 10.72
C GLY A 112 2.52 -11.25 9.54
N SER A 113 1.80 -12.20 8.97
CA SER A 113 0.95 -11.93 7.82
C SER A 113 -0.36 -11.28 8.27
N LEU A 114 -0.25 -10.12 8.92
CA LEU A 114 -1.37 -9.53 9.64
C LEU A 114 -1.94 -8.35 8.84
N THR A 115 -3.14 -8.51 8.32
CA THR A 115 -3.76 -7.56 7.41
C THR A 115 -4.24 -6.33 8.20
N ILE A 116 -3.87 -5.15 7.68
CA ILE A 116 -4.38 -3.91 8.20
C ILE A 116 -5.83 -3.74 7.73
N ASN A 117 -6.75 -3.55 8.68
CA ASN A 117 -8.11 -3.14 8.32
C ASN A 117 -8.64 -2.10 9.32
N GLU A 118 -9.80 -1.52 9.00
CA GLU A 118 -10.40 -0.46 9.79
CA GLU A 118 -10.38 -0.46 9.80
C GLU A 118 -10.68 -0.93 11.22
N GLU A 119 -11.35 -2.08 11.37
CA GLU A 119 -11.83 -2.47 12.70
C GLU A 119 -10.66 -2.76 13.61
N ARG A 120 -9.59 -3.38 13.07
CA ARG A 120 -8.42 -3.64 13.87
C ARG A 120 -7.72 -2.34 14.29
N SER A 121 -7.69 -1.37 13.38
CA SER A 121 -7.02 -0.09 13.55
C SER A 121 -7.73 0.73 14.63
N GLU A 122 -8.96 0.33 15.01
CA GLU A 122 -9.64 1.00 16.13
C GLU A 122 -9.04 0.57 17.47
N VAL A 123 -8.42 -0.61 17.56
CA VAL A 123 -7.95 -1.13 18.85
C VAL A 123 -6.43 -1.27 18.94
N VAL A 124 -5.71 -1.28 17.81
CA VAL A 124 -4.27 -1.31 17.82
C VAL A 124 -3.79 -0.25 16.83
N ASP A 125 -2.55 0.17 16.96
CA ASP A 125 -1.94 1.00 15.94
C ASP A 125 -1.26 0.06 14.95
N PHE A 126 -1.25 0.40 13.66
CA PHE A 126 -0.46 -0.37 12.72
C PHE A 126 0.66 0.50 12.17
N SER A 127 1.81 -0.13 11.94
CA SER A 127 2.86 0.45 11.14
C SER A 127 2.37 0.75 9.73
N VAL A 128 3.18 1.49 8.98
CA VAL A 128 3.04 1.52 7.54
C VAL A 128 2.97 0.09 7.00
N PRO A 129 2.24 -0.14 5.90
CA PRO A 129 2.24 -1.45 5.24
C PRO A 129 3.61 -1.86 4.72
N PHE A 130 3.99 -3.14 4.89
CA PHE A 130 5.34 -3.53 4.45
C PHE A 130 5.24 -4.62 3.37
N VAL A 131 4.03 -5.07 3.03
CA VAL A 131 3.74 -6.05 1.97
C VAL A 131 2.40 -5.59 1.44
N GLU A 132 2.24 -5.47 0.11
CA GLU A 132 0.92 -5.16 -0.44
C GLU A 132 0.05 -6.42 -0.41
N THR A 133 -1.20 -6.27 0.01
CA THR A 133 -2.13 -7.40 -0.03
C THR A 133 -3.55 -6.86 -0.18
N GLY A 134 -4.51 -7.76 0.04
CA GLY A 134 -5.91 -7.48 -0.14
C GLY A 134 -6.59 -8.83 -0.35
N ILE A 135 -7.65 -8.83 -1.12
CA ILE A 135 -8.40 -10.06 -1.36
C ILE A 135 -8.19 -10.45 -2.81
N SER A 136 -7.76 -11.70 -3.02
CA SER A 136 -7.69 -12.24 -4.36
C SER A 136 -8.50 -13.54 -4.43
N VAL A 137 -8.64 -14.03 -5.66
CA VAL A 137 -9.45 -15.21 -5.90
C VAL A 137 -8.58 -16.16 -6.72
N MET A 138 -8.49 -17.40 -6.24
CA MET A 138 -7.71 -18.43 -6.89
C MET A 138 -8.68 -19.42 -7.52
N VAL A 139 -8.38 -19.81 -8.76
CA VAL A 139 -9.21 -20.76 -9.49
C VAL A 139 -8.27 -21.69 -10.25
N SER A 140 -8.82 -22.76 -10.84
CA SER A 140 -8.07 -23.50 -11.85
C SER A 140 -8.04 -22.69 -13.15
N ARG A 141 -6.90 -22.75 -13.86
CA ARG A 141 -6.81 -22.08 -15.14
C ARG A 141 -7.95 -22.53 -16.04
N GLY A 142 -8.65 -21.56 -16.64
CA GLY A 142 -9.79 -21.78 -17.52
C GLY A 142 -11.06 -21.15 -16.94
N THR A 143 -11.09 -21.05 -15.61
CA THR A 143 -12.28 -20.63 -14.90
C THR A 143 -12.45 -19.13 -15.11
N GLN A 144 -13.64 -18.75 -15.59
CA GLN A 144 -13.96 -17.39 -15.96
C GLN A 144 -14.70 -16.73 -14.80
N VAL A 145 -13.99 -15.90 -14.05
CA VAL A 145 -14.57 -15.08 -13.02
C VAL A 145 -14.04 -13.67 -13.21
N THR A 146 -14.95 -12.68 -13.28
CA THR A 146 -14.57 -11.30 -13.55
C THR A 146 -13.92 -10.68 -12.31
N GLY A 147 -14.40 -11.04 -11.12
CA GLY A 147 -13.95 -10.43 -9.87
C GLY A 147 -14.90 -10.84 -8.74
N LEU A 148 -14.82 -10.18 -7.58
CA LEU A 148 -15.69 -10.44 -6.44
C LEU A 148 -17.15 -10.13 -6.76
N SER A 149 -17.35 -9.12 -7.60
CA SER A 149 -18.65 -8.63 -7.99
C SER A 149 -19.27 -9.52 -9.04
N ASP A 150 -18.53 -10.54 -9.49
CA ASP A 150 -19.09 -11.47 -10.43
C ASP A 150 -20.39 -11.95 -9.79
N LYS A 151 -21.47 -11.92 -10.57
CA LYS A 151 -22.76 -12.45 -10.15
C LYS A 151 -22.64 -13.91 -9.71
N LYS A 152 -21.69 -14.68 -10.25
CA LYS A 152 -21.50 -16.06 -9.80
C LYS A 152 -21.18 -16.11 -8.30
N PHE A 153 -20.56 -15.05 -7.77
CA PHE A 153 -20.30 -14.93 -6.33
C PHE A 153 -21.42 -14.20 -5.58
N GLN A 154 -21.90 -13.09 -6.12
CA GLN A 154 -22.86 -12.24 -5.44
C GLN A 154 -24.23 -12.87 -5.36
N ARG A 155 -24.65 -13.50 -6.47
CA ARG A 155 -25.94 -14.14 -6.59
C ARG A 155 -25.74 -15.59 -7.02
N PRO A 156 -25.08 -16.44 -6.19
CA PRO A 156 -24.65 -17.74 -6.65
C PRO A 156 -25.75 -18.63 -7.21
N HIS A 157 -26.95 -18.56 -6.60
CA HIS A 157 -28.03 -19.48 -6.91
C HIS A 157 -28.80 -19.11 -8.18
N ASP A 158 -28.37 -18.06 -8.87
CA ASP A 158 -28.88 -17.79 -10.21
C ASP A 158 -28.28 -18.77 -11.23
N TYR A 159 -27.20 -19.46 -10.84
CA TYR A 159 -26.47 -20.35 -11.72
C TYR A 159 -26.81 -21.76 -11.29
N SER A 160 -26.88 -22.65 -12.30
CA SER A 160 -27.11 -24.07 -12.12
C SER A 160 -26.11 -24.80 -12.99
N PRO A 161 -25.05 -25.45 -12.43
CA PRO A 161 -24.83 -25.53 -10.99
C PRO A 161 -24.24 -24.24 -10.43
N PRO A 162 -24.51 -23.92 -9.16
CA PRO A 162 -23.91 -22.73 -8.58
C PRO A 162 -22.43 -22.97 -8.30
N PHE A 163 -21.66 -21.89 -8.35
CA PHE A 163 -20.24 -21.90 -8.09
C PHE A 163 -20.00 -22.33 -6.64
N ARG A 164 -18.96 -23.14 -6.44
CA ARG A 164 -18.58 -23.66 -5.14
C ARG A 164 -17.32 -22.90 -4.75
N PHE A 165 -17.43 -22.05 -3.72
CA PHE A 165 -16.33 -21.18 -3.40
C PHE A 165 -16.34 -20.90 -1.91
N GLY A 166 -15.14 -20.74 -1.37
CA GLY A 166 -15.01 -20.56 0.07
C GLY A 166 -13.78 -19.75 0.42
N THR A 167 -13.66 -19.50 1.73
CA THR A 167 -12.51 -18.86 2.32
C THR A 167 -12.11 -19.69 3.55
N VAL A 168 -11.07 -19.21 4.22
CA VAL A 168 -10.69 -19.70 5.54
C VAL A 168 -11.32 -18.73 6.52
N PRO A 169 -12.26 -19.17 7.38
CA PRO A 169 -13.00 -18.24 8.21
C PRO A 169 -12.12 -17.56 9.28
N ASN A 170 -12.66 -16.46 9.83
CA ASN A 170 -12.25 -15.80 11.05
C ASN A 170 -11.16 -14.74 10.85
N GLY A 171 -10.73 -14.50 9.61
CA GLY A 171 -9.75 -13.45 9.38
C GLY A 171 -10.32 -12.28 8.60
N SER A 172 -9.42 -11.44 8.08
CA SER A 172 -9.80 -10.19 7.47
C SER A 172 -10.66 -10.45 6.22
N THR A 173 -10.38 -11.52 5.49
CA THR A 173 -11.11 -11.78 4.26
C THR A 173 -12.58 -12.04 4.57
N GLU A 174 -12.82 -13.00 5.45
CA GLU A 174 -14.19 -13.31 5.86
C GLU A 174 -14.91 -12.09 6.42
N ARG A 175 -14.21 -11.27 7.21
CA ARG A 175 -14.77 -10.06 7.80
C ARG A 175 -15.29 -9.15 6.70
N ASN A 176 -14.46 -8.98 5.66
CA ASN A 176 -14.78 -8.11 4.55
C ASN A 176 -16.03 -8.60 3.82
N ILE A 177 -16.08 -9.90 3.51
CA ILE A 177 -17.20 -10.43 2.73
C ILE A 177 -18.49 -10.32 3.55
N ARG A 178 -18.38 -10.61 4.84
CA ARG A 178 -19.54 -10.55 5.73
C ARG A 178 -20.13 -9.14 5.74
N ASN A 179 -19.25 -8.15 5.80
CA ASN A 179 -19.64 -6.74 5.86
C ASN A 179 -20.21 -6.27 4.54
N ASN A 180 -19.69 -6.72 3.41
CA ASN A 180 -20.02 -6.15 2.12
C ASN A 180 -21.09 -6.95 1.37
N TYR A 181 -21.08 -8.30 1.48
CA TYR A 181 -21.88 -9.13 0.59
C TYR A 181 -22.63 -10.18 1.43
N PRO A 182 -23.72 -9.78 2.10
CA PRO A 182 -24.40 -10.69 3.04
C PRO A 182 -24.80 -12.05 2.44
N TYR A 183 -25.36 -12.05 1.24
CA TYR A 183 -25.84 -13.29 0.68
C TYR A 183 -24.66 -14.20 0.30
N MET A 184 -23.67 -13.63 -0.40
CA MET A 184 -22.43 -14.34 -0.65
C MET A 184 -21.86 -14.99 0.62
N HIS A 185 -21.77 -14.21 1.69
CA HIS A 185 -21.17 -14.68 2.92
C HIS A 185 -21.90 -15.92 3.43
N GLN A 186 -23.22 -15.87 3.50
CA GLN A 186 -23.93 -16.95 4.17
C GLN A 186 -23.92 -18.17 3.23
N TYR A 187 -23.92 -17.94 1.91
CA TYR A 187 -23.76 -19.05 0.97
C TYR A 187 -22.42 -19.75 1.16
N MET A 188 -21.32 -19.01 1.36
CA MET A 188 -20.02 -19.61 1.25
C MET A 188 -19.63 -20.33 2.53
N THR A 189 -20.36 -20.13 3.64
CA THR A 189 -20.02 -20.84 4.88
C THR A 189 -20.01 -22.37 4.71
N ARG A 190 -20.83 -22.91 3.82
CA ARG A 190 -20.85 -24.33 3.53
C ARG A 190 -19.51 -24.82 2.96
N PHE A 191 -18.75 -23.92 2.32
CA PHE A 191 -17.48 -24.25 1.68
C PHE A 191 -16.26 -23.70 2.43
N ASN A 192 -16.46 -23.24 3.67
CA ASN A 192 -15.36 -22.85 4.56
C ASN A 192 -14.28 -23.93 4.58
N GLN A 193 -13.03 -23.51 4.47
CA GLN A 193 -11.89 -24.41 4.50
C GLN A 193 -11.13 -24.21 5.80
N ARG A 194 -10.57 -25.31 6.31
CA ARG A 194 -9.90 -25.22 7.63
C ARG A 194 -8.59 -24.43 7.53
N GLY A 195 -7.98 -24.41 6.36
CA GLY A 195 -6.77 -23.66 6.09
C GLY A 195 -6.44 -23.66 4.62
N VAL A 196 -5.36 -22.95 4.29
CA VAL A 196 -4.98 -22.80 2.91
C VAL A 196 -4.67 -24.15 2.26
N GLU A 197 -3.98 -25.04 2.97
CA GLU A 197 -3.57 -26.28 2.33
C GLU A 197 -4.81 -27.10 1.95
N ASP A 198 -5.79 -27.13 2.87
CA ASP A 198 -7.01 -27.89 2.62
C ASP A 198 -7.69 -27.31 1.39
N ALA A 199 -7.70 -25.96 1.28
CA ALA A 199 -8.33 -25.30 0.14
C ALA A 199 -7.66 -25.64 -1.18
N LEU A 200 -6.33 -25.70 -1.22
CA LEU A 200 -5.64 -26.00 -2.45
C LEU A 200 -5.99 -27.44 -2.86
N VAL A 201 -6.08 -28.36 -1.90
CA VAL A 201 -6.46 -29.74 -2.18
C VAL A 201 -7.89 -29.79 -2.75
N SER A 202 -8.81 -29.01 -2.17
CA SER A 202 -10.18 -28.93 -2.62
C SER A 202 -10.25 -28.43 -4.07
N LEU A 203 -9.42 -27.43 -4.40
CA LEU A 203 -9.37 -26.94 -5.79
C LEU A 203 -8.90 -28.03 -6.74
N LYS A 204 -7.84 -28.72 -6.32
CA LYS A 204 -7.16 -29.67 -7.19
C LYS A 204 -7.99 -30.91 -7.40
N THR A 205 -8.87 -31.25 -6.48
CA THR A 205 -9.68 -32.47 -6.57
C THR A 205 -11.12 -32.17 -6.98
N GLY A 206 -11.42 -30.93 -7.43
CA GLY A 206 -12.72 -30.59 -7.98
C GLY A 206 -13.85 -30.41 -6.96
N LYS A 207 -13.52 -30.21 -5.66
CA LYS A 207 -14.49 -30.00 -4.59
C LYS A 207 -14.81 -28.51 -4.41
N LEU A 208 -13.96 -27.65 -4.99
CA LEU A 208 -14.15 -26.21 -4.95
C LEU A 208 -13.83 -25.65 -6.34
N ASP A 209 -14.51 -24.57 -6.72
CA ASP A 209 -14.28 -23.89 -7.98
C ASP A 209 -13.42 -22.65 -7.77
N ALA A 210 -13.48 -22.06 -6.57
CA ALA A 210 -12.73 -20.83 -6.31
C ALA A 210 -12.46 -20.73 -4.82
N PHE A 211 -11.31 -20.16 -4.53
CA PHE A 211 -10.87 -19.91 -3.16
C PHE A 211 -10.52 -18.43 -3.04
N ILE A 212 -11.15 -17.78 -2.06
CA ILE A 212 -11.06 -16.35 -1.86
C ILE A 212 -10.25 -16.13 -0.59
N TYR A 213 -9.15 -15.38 -0.68
CA TYR A 213 -8.22 -15.35 0.42
C TYR A 213 -7.24 -14.20 0.22
N ASP A 214 -6.46 -13.95 1.27
CA ASP A 214 -5.35 -13.00 1.22
C ASP A 214 -4.51 -13.09 -0.06
N ALA A 215 -4.34 -11.93 -0.68
CA ALA A 215 -3.72 -11.83 -1.99
C ALA A 215 -2.26 -12.24 -1.92
N ALA A 216 -1.53 -11.79 -0.88
CA ALA A 216 -0.10 -12.07 -0.90
C ALA A 216 0.17 -13.57 -0.78
N VAL A 217 -0.58 -14.27 0.07
CA VAL A 217 -0.41 -15.71 0.22
C VAL A 217 -0.85 -16.42 -1.07
N LEU A 218 -1.97 -16.01 -1.66
CA LEU A 218 -2.44 -16.64 -2.88
C LEU A 218 -1.43 -16.45 -4.02
N ASN A 219 -0.88 -15.25 -4.14
CA ASN A 219 0.14 -15.00 -5.17
C ASN A 219 1.34 -15.95 -5.01
N TYR A 220 1.82 -16.09 -3.77
CA TYR A 220 2.87 -17.02 -3.42
C TYR A 220 2.52 -18.45 -3.81
N LYS A 221 1.33 -18.91 -3.42
CA LYS A 221 0.90 -20.28 -3.71
C LYS A 221 0.78 -20.51 -5.22
N ALA A 222 0.19 -19.55 -5.95
CA ALA A 222 0.09 -19.65 -7.40
C ALA A 222 1.48 -19.72 -8.02
N GLY A 223 2.41 -18.95 -7.47
CA GLY A 223 3.76 -18.85 -7.99
C GLY A 223 4.50 -20.18 -7.91
N ARG A 224 4.10 -21.06 -6.98
CA ARG A 224 4.81 -22.28 -6.68
C ARG A 224 3.98 -23.50 -7.07
N ASP A 225 2.82 -23.31 -7.66
CA ASP A 225 1.94 -24.44 -7.88
C ASP A 225 2.59 -25.38 -8.90
N GLU A 226 2.67 -26.67 -8.56
CA GLU A 226 3.19 -27.69 -9.47
C GLU A 226 2.43 -27.64 -10.80
N GLY A 227 3.12 -27.27 -11.87
CA GLY A 227 2.50 -27.21 -13.19
C GLY A 227 1.75 -25.91 -13.49
N CYS A 228 1.77 -24.96 -12.53
CA CYS A 228 1.15 -23.67 -12.76
C CYS A 228 -0.32 -23.82 -13.16
N LYS A 229 -1.04 -24.69 -12.46
CA LYS A 229 -2.46 -24.93 -12.73
C LYS A 229 -3.39 -23.97 -11.96
N LEU A 230 -3.01 -23.61 -10.74
CA LEU A 230 -3.84 -22.71 -9.93
C LEU A 230 -3.36 -21.29 -10.14
N VAL A 231 -4.29 -20.39 -10.47
CA VAL A 231 -3.96 -19.00 -10.75
C VAL A 231 -4.90 -18.07 -9.99
N THR A 232 -4.50 -16.80 -9.90
CA THR A 232 -5.35 -15.76 -9.37
C THR A 232 -5.98 -14.96 -10.51
N ILE A 233 -7.24 -14.53 -10.33
CA ILE A 233 -8.00 -13.89 -11.39
C ILE A 233 -7.48 -12.48 -11.62
N GLY A 234 -7.65 -11.99 -12.86
CA GLY A 234 -6.92 -10.82 -13.31
C GLY A 234 -5.43 -11.16 -13.39
N SER A 235 -4.56 -10.16 -13.27
CA SER A 235 -3.15 -10.49 -13.39
C SER A 235 -2.57 -10.69 -11.98
N GLY A 236 -3.34 -11.37 -11.11
CA GLY A 236 -3.20 -11.23 -9.66
C GLY A 236 -3.88 -9.95 -9.15
N TYR A 237 -5.13 -9.71 -9.57
CA TYR A 237 -5.85 -8.51 -9.16
C TYR A 237 -6.14 -8.57 -7.65
N ILE A 238 -6.16 -7.40 -7.00
CA ILE A 238 -6.44 -7.26 -5.57
C ILE A 238 -7.66 -6.36 -5.32
N PHE A 239 -8.70 -6.93 -4.67
CA PHE A 239 -9.84 -6.20 -4.08
CA PHE A 239 -9.82 -6.19 -4.09
C PHE A 239 -9.44 -5.71 -2.68
N ALA A 240 -9.93 -4.53 -2.32
CA ALA A 240 -9.73 -3.94 -0.99
C ALA A 240 -8.24 -3.89 -0.65
N THR A 241 -7.48 -3.17 -1.48
CA THR A 241 -6.04 -3.11 -1.33
C THR A 241 -5.69 -2.53 0.02
N THR A 242 -4.74 -3.23 0.64
CA THR A 242 -4.20 -2.83 1.93
C THR A 242 -2.78 -3.39 2.00
N GLY A 243 -2.33 -3.66 3.21
CA GLY A 243 -1.07 -4.34 3.39
C GLY A 243 -1.03 -5.10 4.68
N TYR A 244 0.06 -5.84 4.86
CA TYR A 244 0.41 -6.35 6.16
C TYR A 244 1.06 -5.20 6.92
N GLY A 245 0.75 -5.12 8.20
CA GLY A 245 1.40 -4.12 9.05
C GLY A 245 1.77 -4.74 10.39
N ILE A 246 2.76 -4.13 11.06
CA ILE A 246 3.06 -4.50 12.43
C ILE A 246 2.03 -3.84 13.32
N ALA A 247 1.41 -4.63 14.21
CA ALA A 247 0.45 -4.11 15.17
C ALA A 247 1.20 -3.76 16.45
N LEU A 248 0.93 -2.54 16.93
CA LEU A 248 1.46 -2.07 18.19
C LEU A 248 0.31 -1.62 19.08
N GLN A 249 0.62 -1.45 20.38
CA GLN A 249 -0.40 -0.94 21.29
C GLN A 249 -0.75 0.50 20.92
N LYS A 250 -2.02 0.88 21.12
CA LYS A 250 -2.49 2.26 20.97
C LYS A 250 -1.56 3.20 21.73
N GLY A 251 -1.01 4.19 21.00
CA GLY A 251 -0.06 5.14 21.56
C GLY A 251 1.32 4.55 21.85
N SER A 252 1.69 3.45 21.17
CA SER A 252 2.98 2.83 21.38
C SER A 252 4.11 3.84 21.18
N PRO A 253 5.11 3.85 22.08
CA PRO A 253 6.33 4.63 21.82
C PRO A 253 7.22 4.08 20.70
N TRP A 254 6.98 2.87 20.17
CA TRP A 254 7.85 2.28 19.17
C TRP A 254 7.38 2.60 17.75
N LYS A 255 6.16 3.09 17.58
CA LYS A 255 5.56 3.19 16.26
C LYS A 255 6.38 4.10 15.34
N ARG A 256 6.78 5.26 15.84
CA ARG A 256 7.48 6.21 14.96
C ARG A 256 8.72 5.53 14.39
N GLN A 257 9.58 4.96 15.23
CA GLN A 257 10.83 4.43 14.73
C GLN A 257 10.60 3.20 13.84
N ILE A 258 9.60 2.37 14.19
CA ILE A 258 9.26 1.24 13.33
C ILE A 258 8.80 1.70 11.93
N ASP A 259 7.91 2.67 11.87
CA ASP A 259 7.48 3.21 10.59
C ASP A 259 8.65 3.73 9.77
N LEU A 260 9.53 4.52 10.42
CA LEU A 260 10.65 5.09 9.69
C LEU A 260 11.61 4.01 9.17
N ALA A 261 11.89 3.01 9.99
CA ALA A 261 12.76 1.92 9.61
C ALA A 261 12.16 1.15 8.42
N LEU A 262 10.87 0.81 8.46
CA LEU A 262 10.25 0.11 7.34
C LEU A 262 10.35 0.91 6.06
N LEU A 263 10.05 2.21 6.14
CA LEU A 263 10.16 3.07 4.96
C LEU A 263 11.61 3.16 4.46
N GLN A 264 12.57 3.07 5.37
CA GLN A 264 13.99 3.10 4.99
C GLN A 264 14.35 1.81 4.26
N PHE A 265 13.82 0.68 4.76
CA PHE A 265 14.04 -0.62 4.14
C PHE A 265 13.49 -0.64 2.72
N VAL A 266 12.30 -0.08 2.50
CA VAL A 266 11.73 -0.08 1.15
C VAL A 266 12.60 0.81 0.26
N GLY A 267 12.97 1.96 0.79
CA GLY A 267 13.66 3.01 0.05
C GLY A 267 15.06 2.62 -0.35
N ASP A 268 15.70 1.69 0.40
CA ASP A 268 17.10 1.37 0.19
CA ASP A 268 17.10 1.34 0.25
C ASP A 268 17.27 0.02 -0.52
N GLY A 269 16.16 -0.60 -0.96
CA GLY A 269 16.25 -1.84 -1.73
C GLY A 269 16.19 -3.11 -0.87
N GLU A 270 16.19 -2.96 0.46
CA GLU A 270 16.22 -4.14 1.33
C GLU A 270 14.94 -4.96 1.20
N MET A 271 13.81 -4.30 1.02
CA MET A 271 12.54 -5.03 0.96
C MET A 271 12.49 -5.87 -0.31
N GLU A 272 13.05 -5.37 -1.43
CA GLU A 272 13.05 -6.14 -2.68
C GLU A 272 13.89 -7.42 -2.51
N GLU A 273 15.03 -7.32 -1.86
CA GLU A 273 15.87 -8.47 -1.55
C GLU A 273 15.06 -9.57 -0.83
N LEU A 274 14.22 -9.16 0.11
CA LEU A 274 13.47 -10.10 0.93
C LEU A 274 12.39 -10.75 0.08
N GLU A 275 11.77 -9.98 -0.81
CA GLU A 275 10.77 -10.55 -1.71
C GLU A 275 11.44 -11.57 -2.61
N THR A 276 12.66 -11.29 -3.06
CA THR A 276 13.38 -12.20 -3.93
C THR A 276 13.71 -13.50 -3.20
N LEU A 277 14.12 -13.37 -1.96
CA LEU A 277 14.51 -14.50 -1.14
C LEU A 277 13.31 -15.39 -0.82
N TRP A 278 12.14 -14.81 -0.50
CA TRP A 278 11.03 -15.55 0.09
C TRP A 278 9.80 -15.72 -0.79
N LEU A 279 9.56 -14.82 -1.73
CA LEU A 279 8.24 -14.71 -2.35
C LEU A 279 8.24 -15.10 -3.83
N THR A 280 9.41 -15.31 -4.46
CA THR A 280 9.47 -15.57 -5.90
C THR A 280 8.94 -16.97 -6.22
N GLY A 281 8.28 -17.10 -7.36
CA GLY A 281 7.85 -18.41 -7.83
C GLY A 281 8.23 -18.61 -9.29
N ILE A 282 8.12 -19.86 -9.77
CA ILE A 282 8.43 -20.21 -11.14
C ILE A 282 7.30 -19.71 -12.02
N CYS A 283 6.06 -19.94 -11.61
CA CYS A 283 4.92 -19.56 -12.42
C CYS A 283 4.84 -18.03 -12.51
N ARG B 4 -12.29 24.88 9.87
CA ARG B 4 -12.19 24.94 8.38
C ARG B 4 -10.76 24.67 7.92
N LEU B 5 -10.57 23.52 7.27
CA LEU B 5 -9.24 23.07 6.90
C LEU B 5 -8.76 23.73 5.62
N LYS B 6 -7.51 24.19 5.63
CA LYS B 6 -6.86 24.63 4.42
C LYS B 6 -6.27 23.38 3.77
N ILE B 7 -6.80 23.04 2.60
CA ILE B 7 -6.30 21.93 1.81
C ILE B 7 -5.37 22.49 0.74
N VAL B 8 -4.18 21.89 0.57
CA VAL B 8 -3.34 22.22 -0.56
C VAL B 8 -3.32 21.01 -1.49
N THR B 9 -3.37 21.30 -2.79
CA THR B 9 -3.22 20.29 -3.80
C THR B 9 -2.34 20.82 -4.93
N ILE B 10 -2.32 20.06 -6.02
CA ILE B 10 -1.40 20.31 -7.10
C ILE B 10 -2.11 19.81 -8.36
N HIS B 11 -1.93 20.52 -9.45
CA HIS B 11 -2.39 20.02 -10.74
C HIS B 11 -1.70 18.69 -11.05
N GLN B 12 -2.47 17.64 -11.33
CA GLN B 12 -1.91 16.36 -11.69
C GLN B 12 -2.99 15.41 -12.19
N GLU B 13 -3.25 15.43 -13.50
CA GLU B 13 -4.27 14.53 -14.04
C GLU B 13 -3.80 13.09 -13.90
N PRO B 14 -4.66 12.11 -13.55
CA PRO B 14 -6.09 12.30 -13.35
C PRO B 14 -6.54 12.53 -11.91
N PHE B 15 -5.62 12.90 -11.02
CA PHE B 15 -5.94 13.03 -9.61
C PHE B 15 -6.60 14.37 -9.37
N VAL B 16 -6.09 15.41 -10.04
CA VAL B 16 -6.47 16.79 -9.89
C VAL B 16 -6.37 17.47 -11.26
N TYR B 17 -7.54 17.68 -11.86
CA TYR B 17 -7.75 18.55 -13.00
C TYR B 17 -8.00 19.97 -12.50
N VAL B 18 -7.53 20.93 -13.30
CA VAL B 18 -7.61 22.36 -12.97
C VAL B 18 -8.04 23.10 -14.23
N LYS B 19 -9.22 23.73 -14.16
CA LYS B 19 -9.89 24.36 -15.30
C LYS B 19 -10.39 25.75 -14.92
N PRO B 20 -10.52 26.68 -15.89
CA PRO B 20 -11.07 27.99 -15.60
C PRO B 20 -12.51 27.89 -15.14
N THR B 21 -12.94 28.86 -14.35
CA THR B 21 -14.37 28.98 -14.06
C THR B 21 -15.08 29.52 -15.30
N LEU B 22 -16.40 29.42 -15.30
CA LEU B 22 -17.20 30.18 -16.25
C LEU B 22 -17.14 31.66 -15.87
N SER B 23 -17.74 32.52 -16.72
CA SER B 23 -17.72 33.96 -16.50
C SER B 23 -18.40 34.36 -15.20
N ASP B 24 -19.34 33.57 -14.67
CA ASP B 24 -19.97 33.92 -13.42
C ASP B 24 -19.18 33.39 -12.21
N GLY B 25 -18.03 32.73 -12.45
CA GLY B 25 -17.17 32.30 -11.36
C GLY B 25 -17.61 30.97 -10.74
N THR B 26 -18.52 30.26 -11.43
CA THR B 26 -18.90 28.91 -11.05
C THR B 26 -18.22 27.91 -11.98
N CYS B 27 -18.37 26.63 -11.66
CA CYS B 27 -17.74 25.58 -12.44
C CYS B 27 -18.78 24.95 -13.34
N LYS B 28 -18.38 24.66 -14.57
CA LYS B 28 -19.24 24.04 -15.55
C LYS B 28 -19.75 22.69 -15.05
N GLU B 29 -21.07 22.50 -15.09
CA GLU B 29 -21.67 21.21 -14.81
C GLU B 29 -21.21 20.23 -15.88
N GLU B 30 -20.58 19.14 -15.45
CA GLU B 30 -20.15 18.10 -16.35
C GLU B 30 -20.48 16.77 -15.71
N PHE B 31 -20.43 15.72 -16.52
CA PHE B 31 -20.89 14.41 -16.10
C PHE B 31 -19.83 13.44 -16.59
N THR B 32 -19.68 12.33 -15.84
CA THR B 32 -18.79 11.25 -16.24
C THR B 32 -19.40 10.51 -17.43
N VAL B 33 -18.63 9.56 -17.96
CA VAL B 33 -19.07 8.59 -18.96
C VAL B 33 -20.38 7.95 -18.51
N ASN B 34 -20.45 7.53 -17.23
CA ASN B 34 -21.58 6.79 -16.69
C ASN B 34 -22.76 7.71 -16.36
N GLY B 35 -22.59 9.03 -16.46
CA GLY B 35 -23.72 9.94 -16.28
C GLY B 35 -23.77 10.52 -14.86
N ASP B 36 -22.76 10.17 -14.05
CA ASP B 36 -22.63 10.70 -12.70
C ASP B 36 -22.11 12.13 -12.80
N PRO B 37 -22.63 13.07 -11.99
CA PRO B 37 -22.11 14.43 -12.00
C PRO B 37 -20.66 14.46 -11.52
N VAL B 38 -19.79 15.13 -12.27
CA VAL B 38 -18.45 15.39 -11.79
C VAL B 38 -18.53 16.42 -10.68
N LYS B 39 -18.05 16.05 -9.48
CA LYS B 39 -18.05 16.97 -8.36
C LYS B 39 -16.88 17.94 -8.50
N LYS B 40 -17.15 19.23 -8.37
CA LYS B 40 -16.13 20.27 -8.57
C LYS B 40 -16.04 21.16 -7.35
N VAL B 41 -14.82 21.63 -7.05
CA VAL B 41 -14.62 22.56 -5.97
C VAL B 41 -13.86 23.77 -6.53
N ILE B 42 -14.14 24.92 -5.93
CA ILE B 42 -13.38 26.10 -6.24
C ILE B 42 -12.05 25.98 -5.51
N CYS B 43 -10.97 26.08 -6.29
CA CYS B 43 -9.62 26.10 -5.75
C CYS B 43 -8.92 27.36 -6.25
N THR B 44 -8.34 28.12 -5.32
CA THR B 44 -7.58 29.29 -5.71
C THR B 44 -6.15 28.85 -6.03
N GLY B 45 -5.51 29.53 -6.98
CA GLY B 45 -4.11 29.25 -7.30
C GLY B 45 -3.47 30.35 -8.13
N PRO B 46 -2.14 30.29 -8.37
CA PRO B 46 -1.43 31.40 -9.01
C PRO B 46 -1.78 31.56 -10.48
N ASN B 47 -1.39 32.72 -11.04
CA ASN B 47 -1.30 32.90 -12.48
C ASN B 47 0.09 33.48 -12.79
N HIS B 56 -0.49 36.46 -7.00
CA HIS B 56 -1.80 36.85 -7.58
C HIS B 56 -2.63 35.58 -7.85
N THR B 57 -3.42 35.18 -6.87
CA THR B 57 -4.23 33.97 -7.00
C THR B 57 -5.58 34.31 -7.64
N VAL B 58 -6.09 33.37 -8.46
CA VAL B 58 -7.44 33.44 -8.99
C VAL B 58 -8.22 32.15 -8.71
N PRO B 59 -9.55 32.26 -8.55
CA PRO B 59 -10.39 31.07 -8.41
C PRO B 59 -10.45 30.23 -9.67
N GLN B 60 -10.32 28.90 -9.49
CA GLN B 60 -10.35 27.94 -10.58
C GLN B 60 -11.22 26.78 -10.13
N CYS B 61 -11.48 25.84 -11.03
CA CYS B 61 -12.30 24.67 -10.74
C CYS B 61 -11.38 23.44 -10.65
N CYS B 62 -11.50 22.67 -9.56
CA CYS B 62 -10.69 21.48 -9.34
C CYS B 62 -11.63 20.28 -9.28
N TYR B 63 -11.23 19.17 -9.93
CA TYR B 63 -11.93 17.89 -9.78
C TYR B 63 -10.94 16.75 -10.01
N GLY B 64 -11.42 15.51 -9.80
CA GLY B 64 -10.64 14.32 -10.11
C GLY B 64 -10.63 13.39 -8.88
N PHE B 65 -9.81 12.35 -8.99
CA PHE B 65 -9.75 11.30 -7.98
C PHE B 65 -9.52 11.89 -6.60
N CYS B 66 -8.55 12.81 -6.48
CA CYS B 66 -8.21 13.32 -5.16
C CYS B 66 -9.29 14.27 -4.64
N ILE B 67 -9.98 14.99 -5.54
CA ILE B 67 -11.03 15.89 -5.08
C ILE B 67 -12.21 15.06 -4.57
N ASP B 68 -12.54 13.98 -5.28
CA ASP B 68 -13.56 13.06 -4.82
C ASP B 68 -13.19 12.52 -3.44
N LEU B 69 -11.93 12.11 -3.24
CA LEU B 69 -11.47 11.60 -1.96
C LEU B 69 -11.61 12.64 -0.84
N LEU B 70 -11.23 13.88 -1.13
CA LEU B 70 -11.35 14.97 -0.18
C LEU B 70 -12.81 15.12 0.25
N ILE B 71 -13.70 15.13 -0.76
CA ILE B 71 -15.13 15.30 -0.48
C ILE B 71 -15.59 14.16 0.43
N LYS B 72 -15.13 12.93 0.15
CA LYS B 72 -15.52 11.78 0.97
C LYS B 72 -15.02 11.94 2.41
N LEU B 73 -13.75 12.38 2.57
CA LEU B 73 -13.19 12.54 3.89
C LEU B 73 -13.96 13.59 4.69
N ALA B 74 -14.29 14.71 4.01
CA ALA B 74 -14.93 15.85 4.65
C ALA B 74 -16.32 15.46 5.14
N ARG B 75 -17.03 14.68 4.32
CA ARG B 75 -18.38 14.19 4.64
C ARG B 75 -18.32 13.11 5.72
N THR B 76 -17.30 12.26 5.69
CA THR B 76 -17.18 11.18 6.65
C THR B 76 -16.84 11.76 8.02
N MET B 77 -15.92 12.71 8.07
CA MET B 77 -15.35 13.16 9.33
C MET B 77 -15.96 14.48 9.81
N ASN B 78 -16.79 15.09 8.96
CA ASN B 78 -17.54 16.29 9.33
C ASN B 78 -16.59 17.49 9.50
N PHE B 79 -15.98 17.93 8.38
CA PHE B 79 -15.22 19.16 8.35
C PHE B 79 -15.54 19.95 7.09
N THR B 80 -15.35 21.27 7.15
CA THR B 80 -15.43 22.16 5.99
C THR B 80 -14.00 22.49 5.59
N TYR B 81 -13.82 23.02 4.37
CA TYR B 81 -12.48 23.25 3.85
C TYR B 81 -12.50 24.30 2.76
N GLU B 82 -11.28 24.77 2.44
CA GLU B 82 -11.01 25.53 1.24
C GLU B 82 -9.74 24.98 0.63
N VAL B 83 -9.77 24.83 -0.69
CA VAL B 83 -8.69 24.22 -1.43
C VAL B 83 -7.92 25.31 -2.17
N HIS B 84 -6.58 25.22 -2.13
CA HIS B 84 -5.75 26.05 -2.96
C HIS B 84 -4.64 25.20 -3.58
N LEU B 85 -4.11 25.69 -4.69
CA LEU B 85 -3.03 25.05 -5.39
C LEU B 85 -1.69 25.56 -4.82
N VAL B 86 -0.77 24.61 -4.59
CA VAL B 86 0.54 24.96 -4.06
C VAL B 86 1.15 26.12 -4.87
N ALA B 87 1.57 27.15 -4.12
CA ALA B 87 2.04 28.41 -4.69
C ALA B 87 3.24 28.22 -5.61
N ASP B 88 4.21 27.36 -5.23
CA ASP B 88 5.41 27.16 -6.03
C ASP B 88 5.24 26.03 -7.05
N GLY B 89 4.09 25.34 -7.07
CA GLY B 89 3.79 24.33 -8.08
C GLY B 89 4.51 23.00 -7.88
N LYS B 90 5.17 22.82 -6.73
CA LYS B 90 6.00 21.65 -6.48
C LYS B 90 5.40 20.70 -5.42
N PHE B 91 5.84 19.43 -5.49
CA PHE B 91 5.46 18.43 -4.51
C PHE B 91 6.16 18.68 -3.16
N GLY B 92 7.49 18.73 -3.16
CA GLY B 92 8.21 19.12 -1.95
C GLY B 92 9.48 18.30 -1.77
N THR B 93 10.61 19.01 -1.70
CA THR B 93 11.89 18.44 -1.27
C THR B 93 12.48 19.36 -0.21
N GLN B 94 13.50 18.84 0.50
CA GLN B 94 14.11 19.57 1.59
C GLN B 94 15.42 20.12 1.03
N GLU B 95 15.63 21.45 1.12
CA GLU B 95 16.76 22.06 0.47
C GLU B 95 17.56 22.84 1.52
N ARG B 96 18.87 22.96 1.29
CA ARG B 96 19.73 23.78 2.13
C ARG B 96 19.32 25.26 2.03
N VAL B 97 19.37 25.96 3.17
CA VAL B 97 19.12 27.39 3.22
C VAL B 97 20.47 28.14 3.19
N ASN B 98 20.59 29.12 2.30
CA ASN B 98 21.56 30.23 2.41
C ASN B 98 22.99 29.74 2.56
N ASN B 99 23.33 28.59 1.96
CA ASN B 99 24.62 27.96 2.17
C ASN B 99 24.96 27.92 3.65
N SER B 100 23.98 27.50 4.48
CA SER B 100 24.18 27.08 5.85
C SER B 100 24.00 25.56 5.91
N ASN B 101 23.92 25.02 7.13
CA ASN B 101 23.61 23.61 7.33
C ASN B 101 22.11 23.42 7.55
N LYS B 102 21.36 24.52 7.73
CA LYS B 102 19.92 24.46 7.97
C LYS B 102 19.19 24.15 6.67
N LYS B 103 18.14 23.31 6.72
CA LYS B 103 17.35 22.96 5.55
C LYS B 103 15.90 23.39 5.73
N GLU B 104 15.16 23.46 4.61
CA GLU B 104 13.76 23.81 4.65
C GLU B 104 13.05 23.06 3.53
N TRP B 105 11.76 22.74 3.73
CA TRP B 105 10.96 22.15 2.70
C TRP B 105 10.27 23.21 1.82
N ASN B 106 10.15 22.85 0.55
CA ASN B 106 9.43 23.63 -0.44
C ASN B 106 8.14 22.88 -0.79
N GLY B 107 7.43 23.36 -1.81
CA GLY B 107 6.25 22.65 -2.31
C GLY B 107 5.14 22.50 -1.28
N MET B 108 4.33 21.43 -1.48
CA MET B 108 3.22 21.18 -0.58
C MET B 108 3.73 20.79 0.80
N MET B 109 4.88 20.12 0.89
CA MET B 109 5.50 19.78 2.16
C MET B 109 5.74 21.03 3.01
N GLY B 110 6.35 22.01 2.35
CA GLY B 110 6.66 23.29 2.98
C GLY B 110 5.40 24.04 3.42
N GLU B 111 4.36 24.01 2.60
CA GLU B 111 3.15 24.71 2.96
C GLU B 111 2.52 24.08 4.18
N LEU B 112 2.52 22.73 4.25
CA LEU B 112 1.94 22.06 5.39
C LEU B 112 2.72 22.37 6.67
N LEU B 113 4.06 22.36 6.58
CA LEU B 113 4.89 22.57 7.75
C LEU B 113 4.74 24.01 8.25
N SER B 114 4.54 24.95 7.31
CA SER B 114 4.48 26.38 7.66
C SER B 114 3.12 26.81 8.18
N GLY B 115 2.08 25.99 7.99
CA GLY B 115 0.71 26.34 8.35
C GLY B 115 -0.08 26.96 7.20
N GLN B 116 0.48 27.05 6.00
CA GLN B 116 -0.27 27.59 4.89
C GLN B 116 -1.34 26.58 4.45
N ALA B 117 -1.11 25.31 4.78
CA ALA B 117 -2.07 24.22 4.58
C ALA B 117 -2.18 23.45 5.89
N ASP B 118 -3.36 22.84 6.15
CA ASP B 118 -3.57 21.93 7.26
C ASP B 118 -3.51 20.46 6.79
N MET B 119 -3.73 20.24 5.49
CA MET B 119 -3.77 18.90 4.93
C MET B 119 -3.33 18.96 3.48
N ILE B 120 -2.51 17.98 3.03
CA ILE B 120 -2.17 17.79 1.63
C ILE B 120 -3.11 16.71 1.11
N VAL B 121 -3.87 17.02 0.05
CA VAL B 121 -4.68 16.02 -0.63
C VAL B 121 -4.30 16.02 -2.10
N ALA B 122 -3.45 15.04 -2.45
CA ALA B 122 -2.70 15.04 -3.69
C ALA B 122 -2.07 13.66 -3.89
N PRO B 123 -1.55 13.34 -5.10
CA PRO B 123 -0.76 12.13 -5.30
C PRO B 123 0.63 12.28 -4.69
N LEU B 124 0.63 12.33 -3.36
CA LEU B 124 1.82 12.60 -2.57
C LEU B 124 2.46 11.27 -2.15
N THR B 125 3.70 11.09 -2.65
CA THR B 125 4.45 9.86 -2.35
C THR B 125 4.87 9.82 -0.87
N ILE B 126 4.58 8.65 -0.25
CA ILE B 126 4.96 8.36 1.12
C ILE B 126 6.39 7.81 1.11
N ASN B 127 7.27 8.38 1.93
CA ASN B 127 8.65 7.94 2.02
C ASN B 127 9.24 8.36 3.37
N ASN B 128 10.42 7.80 3.65
CA ASN B 128 11.08 7.96 4.94
C ASN B 128 11.37 9.43 5.18
N GLU B 129 11.92 10.10 4.18
CA GLU B 129 12.41 11.44 4.40
C GLU B 129 11.26 12.37 4.75
N ARG B 130 10.10 12.28 4.04
CA ARG B 130 8.97 13.13 4.40
C ARG B 130 8.33 12.73 5.74
N ALA B 131 8.28 11.43 6.02
CA ALA B 131 7.67 10.90 7.21
C ALA B 131 8.41 11.34 8.48
N GLN B 132 9.66 11.80 8.35
CA GLN B 132 10.39 12.37 9.47
C GLN B 132 9.74 13.66 9.92
N TYR B 133 9.05 14.35 9.00
CA TYR B 133 8.52 15.68 9.28
C TYR B 133 6.99 15.78 9.36
N ILE B 134 6.28 14.94 8.58
CA ILE B 134 4.83 14.99 8.52
C ILE B 134 4.25 13.61 8.83
N GLU B 135 2.93 13.57 9.01
CA GLU B 135 2.21 12.33 9.21
C GLU B 135 1.54 11.98 7.88
N PHE B 136 1.73 10.73 7.43
CA PHE B 136 0.97 10.23 6.32
C PHE B 136 -0.16 9.32 6.80
N SER B 137 -1.28 9.36 6.11
CA SER B 137 -2.31 8.34 6.24
C SER B 137 -1.76 7.00 5.72
N LYS B 138 -2.55 5.95 5.99
CA LYS B 138 -2.40 4.71 5.25
C LYS B 138 -2.61 5.02 3.77
N PRO B 139 -1.99 4.25 2.87
CA PRO B 139 -2.05 4.57 1.46
C PRO B 139 -3.46 4.56 0.90
N PHE B 140 -3.76 5.58 0.08
CA PHE B 140 -5.01 5.54 -0.67
C PHE B 140 -4.82 4.92 -2.06
N LYS B 141 -3.57 4.69 -2.47
CA LYS B 141 -3.26 4.11 -3.77
C LYS B 141 -1.83 3.57 -3.73
N TYR B 142 -1.63 2.42 -4.37
CA TYR B 142 -0.32 1.76 -4.44
C TYR B 142 0.15 1.86 -5.87
N GLN B 143 1.41 2.22 -6.06
CA GLN B 143 1.93 2.44 -7.42
C GLN B 143 3.47 2.35 -7.39
N GLY B 144 4.13 2.99 -8.36
CA GLY B 144 5.57 2.94 -8.46
C GLY B 144 6.03 3.94 -9.53
N LEU B 145 7.31 3.85 -9.92
CA LEU B 145 7.81 4.66 -11.02
C LEU B 145 7.84 3.85 -12.29
N THR B 146 7.69 4.56 -13.41
CA THR B 146 7.96 3.99 -14.73
C THR B 146 8.56 5.11 -15.58
N ILE B 147 8.80 4.78 -16.86
CA ILE B 147 9.36 5.72 -17.80
C ILE B 147 8.36 5.90 -18.94
N LEU B 148 8.13 7.15 -19.32
CA LEU B 148 7.24 7.48 -20.41
C LEU B 148 8.10 7.83 -21.62
N VAL B 149 7.86 7.15 -22.74
CA VAL B 149 8.61 7.39 -23.96
C VAL B 149 7.64 7.38 -25.13
N LYS B 150 8.12 7.86 -26.29
CA LYS B 150 7.39 7.77 -27.55
C LYS B 150 7.26 6.31 -27.96
N LYS B 151 6.11 5.93 -28.51
CA LYS B 151 5.92 4.57 -29.01
C LYS B 151 7.07 4.26 -29.99
N GLY B 152 7.69 3.08 -29.86
CA GLY B 152 8.79 2.71 -30.76
C GLY B 152 10.15 2.83 -30.06
N THR B 153 10.31 3.84 -29.19
CA THR B 153 11.40 3.82 -28.23
C THR B 153 11.25 2.55 -27.39
N ARG B 154 12.30 1.73 -27.36
CA ARG B 154 12.23 0.42 -26.71
C ARG B 154 13.26 0.37 -25.60
N ILE B 155 12.93 1.01 -24.46
CA ILE B 155 13.82 1.06 -23.32
C ILE B 155 13.81 -0.30 -22.64
N THR B 156 15.01 -0.80 -22.36
CA THR B 156 15.21 -2.16 -21.86
C THR B 156 15.30 -2.18 -20.33
N GLY B 157 14.70 -1.18 -19.67
CA GLY B 157 14.88 -0.97 -18.24
C GLY B 157 15.94 0.09 -17.93
N ILE B 158 16.39 0.10 -16.67
CA ILE B 158 17.27 1.13 -16.11
C ILE B 158 18.68 1.05 -16.69
N ASN B 159 19.13 -0.16 -17.09
CA ASN B 159 20.50 -0.40 -17.49
C ASN B 159 20.73 -0.13 -18.97
N ASP B 160 19.65 0.16 -19.70
CA ASP B 160 19.74 0.54 -21.09
C ASP B 160 20.89 1.53 -21.32
N PRO B 161 21.71 1.37 -22.38
CA PRO B 161 22.88 2.23 -22.56
C PRO B 161 22.58 3.73 -22.68
N ARG B 162 21.41 4.09 -23.22
CA ARG B 162 21.00 5.48 -23.31
C ARG B 162 20.81 6.12 -21.93
N LEU B 163 20.45 5.34 -20.91
CA LEU B 163 20.33 5.85 -19.56
C LEU B 163 21.67 5.74 -18.83
N ARG B 164 22.36 4.59 -18.95
CA ARG B 164 23.57 4.30 -18.19
C ARG B 164 24.73 5.19 -18.65
N ASN B 165 24.88 5.36 -19.97
CA ASN B 165 25.94 6.18 -20.55
C ASN B 165 25.28 7.35 -21.28
N PRO B 166 24.84 8.42 -20.58
CA PRO B 166 24.04 9.47 -21.20
C PRO B 166 24.77 10.35 -22.21
N SER B 167 24.02 10.80 -23.21
CA SER B 167 24.45 11.89 -24.08
C SER B 167 23.26 12.79 -24.40
N ASP B 168 23.59 13.90 -25.06
CA ASP B 168 22.62 14.88 -25.54
C ASP B 168 21.73 14.27 -26.62
N LYS B 169 22.07 13.07 -27.13
CA LYS B 169 21.29 12.43 -28.18
C LYS B 169 19.97 11.91 -27.65
N PHE B 170 19.91 11.59 -26.35
CA PHE B 170 18.76 10.96 -25.72
C PHE B 170 18.57 11.59 -24.33
N ILE B 171 17.62 12.54 -24.26
CA ILE B 171 17.41 13.33 -23.07
C ILE B 171 16.37 12.64 -22.19
N TYR B 172 16.71 12.49 -20.91
CA TYR B 172 15.76 11.99 -19.91
C TYR B 172 15.73 12.93 -18.70
N ALA B 173 14.60 12.90 -17.96
CA ALA B 173 14.39 13.89 -16.91
C ALA B 173 13.23 13.49 -16.02
N THR B 174 13.11 14.23 -14.93
CA THR B 174 11.93 14.14 -14.08
C THR B 174 11.44 15.55 -13.73
N VAL B 175 10.54 15.63 -12.75
CA VAL B 175 10.04 16.89 -12.24
C VAL B 175 10.94 17.38 -11.12
N LYS B 176 11.32 18.66 -11.21
CA LYS B 176 12.10 19.30 -10.16
C LYS B 176 11.30 19.27 -8.86
N GLN B 177 12.05 19.09 -7.75
CA GLN B 177 11.54 19.20 -6.42
C GLN B 177 10.33 18.27 -6.19
N SER B 178 10.47 17.10 -6.79
CA SER B 178 9.69 15.92 -6.46
C SER B 178 10.58 14.92 -5.71
N SER B 179 9.96 13.86 -5.16
CA SER B 179 10.75 12.82 -4.54
C SER B 179 11.56 12.01 -5.54
N VAL B 180 11.25 12.10 -6.83
CA VAL B 180 12.02 11.42 -7.87
C VAL B 180 13.38 12.15 -8.00
N ASP B 181 13.30 13.48 -7.98
CA ASP B 181 14.48 14.35 -8.09
C ASP B 181 15.47 13.97 -6.98
N ILE B 182 14.98 13.93 -5.74
CA ILE B 182 15.83 13.69 -4.57
C ILE B 182 16.30 12.23 -4.58
N TYR B 183 15.48 11.28 -5.07
CA TYR B 183 15.94 9.89 -5.10
C TYR B 183 17.18 9.80 -5.99
N PHE B 184 17.16 10.44 -7.16
CA PHE B 184 18.28 10.40 -8.08
C PHE B 184 19.47 11.19 -7.52
N ARG B 185 19.20 12.23 -6.75
CA ARG B 185 20.24 13.05 -6.16
C ARG B 185 20.98 12.27 -5.06
N ARG B 186 20.29 11.35 -4.38
CA ARG B 186 20.88 10.79 -3.17
C ARG B 186 21.42 9.38 -3.38
N GLN B 187 20.92 8.60 -4.35
CA GLN B 187 21.39 7.24 -4.53
C GLN B 187 22.75 7.23 -5.24
N VAL B 188 23.75 6.59 -4.60
CA VAL B 188 25.08 6.51 -5.22
C VAL B 188 25.00 5.95 -6.63
N GLU B 189 24.24 4.85 -6.82
CA GLU B 189 24.16 4.20 -8.12
C GLU B 189 23.54 5.08 -9.20
N LEU B 190 22.86 6.19 -8.84
CA LEU B 190 22.19 7.00 -9.85
C LEU B 190 22.98 8.27 -10.15
N SER B 191 24.25 8.32 -9.71
CA SER B 191 25.00 9.57 -9.77
C SER B 191 25.22 10.03 -11.21
N THR B 192 25.43 9.09 -12.12
CA THR B 192 25.63 9.46 -13.52
C THR B 192 24.30 9.92 -14.14
N MET B 193 23.21 9.23 -13.80
CA MET B 193 21.90 9.62 -14.31
C MET B 193 21.53 11.00 -13.80
N TYR B 194 21.78 11.25 -12.52
CA TYR B 194 21.43 12.52 -11.93
C TYR B 194 22.14 13.68 -12.62
N ARG B 195 23.44 13.54 -12.91
CA ARG B 195 24.20 14.63 -13.53
C ARG B 195 23.54 15.02 -14.87
N HIS B 196 23.01 14.05 -15.60
CA HIS B 196 22.32 14.32 -16.86
C HIS B 196 20.96 14.98 -16.63
N MET B 197 20.17 14.39 -15.73
CA MET B 197 18.81 14.87 -15.52
C MET B 197 18.80 16.28 -14.94
N GLU B 198 19.79 16.59 -14.07
CA GLU B 198 19.98 17.91 -13.47
C GLU B 198 19.96 19.00 -14.55
N LYS B 199 20.41 18.68 -15.76
CA LYS B 199 20.47 19.65 -16.86
C LYS B 199 19.11 19.79 -17.56
N HIS B 200 18.14 18.92 -17.24
CA HIS B 200 16.96 18.76 -18.09
C HIS B 200 15.62 18.67 -17.33
N ASN B 201 15.62 18.69 -15.98
CA ASN B 201 14.39 18.47 -15.21
C ASN B 201 13.36 19.58 -15.50
N TYR B 202 12.08 19.19 -15.50
CA TYR B 202 10.95 20.07 -15.79
C TYR B 202 10.27 20.60 -14.54
N GLU B 203 9.53 21.71 -14.71
CA GLU B 203 8.85 22.34 -13.59
C GLU B 203 7.59 21.57 -13.17
N SER B 204 6.98 20.87 -14.10
CA SER B 204 5.71 20.17 -13.93
C SER B 204 5.68 18.90 -14.78
N ALA B 205 4.91 17.92 -14.32
CA ALA B 205 4.67 16.71 -15.07
C ALA B 205 4.02 17.02 -16.43
N ALA B 206 3.04 17.94 -16.42
CA ALA B 206 2.27 18.20 -17.63
C ALA B 206 3.23 18.69 -18.72
N GLU B 207 4.18 19.54 -18.34
CA GLU B 207 5.13 20.07 -19.29
C GLU B 207 6.05 18.97 -19.82
N ALA B 208 6.54 18.09 -18.93
CA ALA B 208 7.36 16.98 -19.37
C ALA B 208 6.62 16.06 -20.31
N ILE B 209 5.36 15.77 -19.98
CA ILE B 209 4.55 14.85 -20.76
C ILE B 209 4.41 15.40 -22.19
N GLN B 210 4.11 16.69 -22.31
CA GLN B 210 3.98 17.33 -23.62
C GLN B 210 5.33 17.25 -24.36
N ALA B 211 6.42 17.46 -23.63
CA ALA B 211 7.75 17.47 -24.21
C ALA B 211 8.10 16.10 -24.79
N VAL B 212 7.57 15.02 -24.22
CA VAL B 212 7.78 13.70 -24.79
C VAL B 212 6.99 13.59 -26.09
N ARG B 213 5.75 14.10 -26.11
CA ARG B 213 4.95 14.04 -27.32
C ARG B 213 5.59 14.88 -28.43
N ASP B 214 6.22 16.01 -28.07
CA ASP B 214 6.84 16.96 -28.98
C ASP B 214 8.31 16.62 -29.27
N ASN B 215 8.81 15.46 -28.81
CA ASN B 215 10.16 14.99 -29.07
C ASN B 215 11.26 15.94 -28.58
N LYS B 216 10.98 16.71 -27.52
CA LYS B 216 11.96 17.60 -26.92
C LYS B 216 12.54 16.89 -25.70
N LEU B 217 11.78 15.92 -25.16
CA LEU B 217 12.24 15.00 -24.13
C LEU B 217 12.02 13.56 -24.60
N HIS B 218 13.03 12.70 -24.42
CA HIS B 218 12.94 11.35 -24.93
C HIS B 218 12.36 10.37 -23.90
N ALA B 219 12.65 10.60 -22.62
CA ALA B 219 12.11 9.75 -21.56
C ALA B 219 11.80 10.59 -20.33
N PHE B 220 10.61 10.39 -19.75
CA PHE B 220 10.20 11.08 -18.53
C PHE B 220 9.99 10.05 -17.42
N ILE B 221 10.74 10.17 -16.31
CA ILE B 221 10.68 9.18 -15.22
C ILE B 221 9.72 9.73 -14.16
N TRP B 222 8.62 9.01 -13.89
CA TRP B 222 7.54 9.58 -13.11
C TRP B 222 6.63 8.46 -12.60
N ASP B 223 5.66 8.89 -11.80
CA ASP B 223 4.66 8.01 -11.19
C ASP B 223 3.90 7.24 -12.24
N SER B 224 3.80 5.93 -12.00
CA SER B 224 3.13 5.03 -12.94
C SER B 224 1.63 5.25 -12.94
N ALA B 225 1.05 5.68 -11.80
CA ALA B 225 -0.38 5.96 -11.74
C ALA B 225 -0.72 7.04 -12.77
N VAL B 226 0.18 8.00 -12.89
CA VAL B 226 -0.02 9.11 -13.79
C VAL B 226 0.34 8.69 -15.20
N LEU B 227 1.53 8.10 -15.38
CA LEU B 227 2.07 7.80 -16.71
C LEU B 227 1.26 6.72 -17.43
N GLU B 228 0.75 5.73 -16.69
CA GLU B 228 -0.07 4.70 -17.30
C GLU B 228 -1.40 5.29 -17.75
N PHE B 229 -1.94 6.25 -17.00
CA PHE B 229 -3.13 6.99 -17.43
C PHE B 229 -2.85 7.80 -18.71
N GLU B 230 -1.72 8.50 -18.76
CA GLU B 230 -1.35 9.27 -19.95
C GLU B 230 -1.26 8.35 -21.18
N ALA B 231 -0.59 7.20 -21.02
CA ALA B 231 -0.43 6.24 -22.11
C ALA B 231 -1.76 5.62 -22.52
N SER B 232 -2.74 5.57 -21.61
CA SER B 232 -4.06 5.02 -21.92
C SER B 232 -4.89 5.99 -22.77
N GLN B 233 -4.56 7.28 -22.71
CA GLN B 233 -5.28 8.38 -23.36
C GLN B 233 -4.61 8.79 -24.67
N LYS B 234 -3.30 8.55 -24.77
CA LYS B 234 -2.49 9.07 -25.86
C LYS B 234 -1.67 7.94 -26.46
N CYS B 235 -2.08 7.47 -27.65
CA CYS B 235 -1.59 6.23 -28.20
C CYS B 235 -0.18 6.37 -28.77
N ASP B 236 0.34 7.60 -28.84
CA ASP B 236 1.71 7.84 -29.26
C ASP B 236 2.71 7.62 -28.12
N LEU B 237 2.20 7.44 -26.88
CA LEU B 237 3.01 7.34 -25.66
C LEU B 237 2.85 5.94 -25.09
N VAL B 238 3.94 5.40 -24.52
CA VAL B 238 3.93 4.11 -23.86
C VAL B 238 4.74 4.23 -22.56
N THR B 239 4.53 3.29 -21.63
CA THR B 239 5.41 3.17 -20.47
C THR B 239 6.23 1.88 -20.52
N THR B 240 7.19 1.76 -19.60
CA THR B 240 8.22 0.74 -19.60
C THR B 240 8.15 -0.26 -18.45
N GLY B 241 7.08 -0.23 -17.61
CA GLY B 241 6.93 -1.15 -16.49
C GLY B 241 7.61 -0.62 -15.21
N GLU B 242 7.60 -1.45 -14.17
CA GLU B 242 8.06 -1.08 -12.85
C GLU B 242 9.53 -0.71 -12.90
N LEU B 243 9.92 0.45 -12.36
CA LEU B 243 11.32 0.86 -12.46
C LEU B 243 12.15 0.47 -11.24
N PHE B 244 11.77 0.91 -10.03
CA PHE B 244 12.47 0.57 -8.81
C PHE B 244 11.48 -0.17 -7.91
N PHE B 245 11.41 0.19 -6.64
CA PHE B 245 10.48 -0.41 -5.69
C PHE B 245 9.08 0.23 -5.75
N ARG B 246 8.11 -0.42 -5.08
CA ARG B 246 6.73 0.00 -5.07
C ARG B 246 6.56 1.10 -4.03
N SER B 247 5.54 1.94 -4.24
CA SER B 247 5.31 3.02 -3.32
C SER B 247 3.80 3.28 -3.18
N GLY B 248 3.46 4.22 -2.31
CA GLY B 248 2.08 4.59 -2.05
C GLY B 248 1.89 6.12 -2.08
N PHE B 249 0.65 6.53 -2.30
CA PHE B 249 0.20 7.90 -2.09
C PHE B 249 -0.57 7.94 -0.79
N GLY B 250 -0.35 8.99 0.00
CA GLY B 250 -1.05 9.20 1.27
C GLY B 250 -1.47 10.66 1.46
N ILE B 251 -2.46 10.84 2.32
CA ILE B 251 -2.88 12.15 2.79
C ILE B 251 -1.78 12.62 3.72
N GLY B 252 -1.42 13.90 3.61
CA GLY B 252 -0.40 14.49 4.45
C GLY B 252 -0.98 15.44 5.49
N MET B 253 -0.46 15.35 6.71
CA MET B 253 -0.98 16.10 7.85
C MET B 253 0.18 16.45 8.74
N ARG B 254 0.08 17.56 9.50
CA ARG B 254 1.08 17.84 10.51
C ARG B 254 1.01 16.82 11.63
N LYS B 255 2.12 16.64 12.34
CA LYS B 255 2.13 15.81 13.54
C LYS B 255 1.10 16.31 14.57
N ASP B 256 0.73 17.59 14.52
CA ASP B 256 -0.19 18.13 15.51
C ASP B 256 -1.65 17.92 15.13
N SER B 257 -1.94 17.33 13.97
CA SER B 257 -3.30 17.25 13.49
C SER B 257 -4.15 16.39 14.44
N PRO B 258 -5.34 16.87 14.87
CA PRO B 258 -6.29 16.01 15.58
C PRO B 258 -7.06 15.03 14.69
N TRP B 259 -6.84 15.10 13.37
CA TRP B 259 -7.64 14.37 12.39
C TRP B 259 -6.98 13.05 11.98
N LYS B 260 -5.75 12.82 12.46
CA LYS B 260 -4.89 11.85 11.80
C LYS B 260 -5.47 10.44 11.89
N GLN B 261 -5.98 10.01 13.07
CA GLN B 261 -6.54 8.68 13.19
C GLN B 261 -7.73 8.50 12.25
N ASN B 262 -8.66 9.46 12.28
CA ASN B 262 -9.89 9.34 11.51
C ASN B 262 -9.63 9.41 10.00
N VAL B 263 -8.59 10.12 9.56
CA VAL B 263 -8.27 10.14 8.14
C VAL B 263 -7.88 8.72 7.72
N SER B 264 -6.98 8.10 8.45
CA SER B 264 -6.54 6.76 8.08
C SER B 264 -7.69 5.75 8.18
N LEU B 265 -8.51 5.84 9.25
CA LEU B 265 -9.66 4.96 9.32
C LEU B 265 -10.60 5.12 8.13
N SER B 266 -10.84 6.35 7.67
CA SER B 266 -11.71 6.58 6.53
CA SER B 266 -11.69 6.61 6.52
C SER B 266 -11.09 6.04 5.24
N ILE B 267 -9.78 6.20 5.04
CA ILE B 267 -9.10 5.57 3.89
C ILE B 267 -9.27 4.05 3.90
N LEU B 268 -9.06 3.41 5.07
CA LEU B 268 -9.18 1.96 5.17
C LEU B 268 -10.63 1.55 4.90
N LYS B 269 -11.59 2.26 5.52
CA LYS B 269 -12.99 2.04 5.21
C LYS B 269 -13.27 2.06 3.70
N SER B 270 -12.75 3.06 2.99
CA SER B 270 -13.02 3.31 1.58
C SER B 270 -12.37 2.25 0.70
N HIS B 271 -11.20 1.70 1.13
CA HIS B 271 -10.68 0.54 0.44
C HIS B 271 -11.62 -0.65 0.63
N GLU B 272 -12.04 -0.87 1.86
CA GLU B 272 -12.75 -2.07 2.23
C GLU B 272 -14.16 -2.12 1.64
N ASN B 273 -14.83 -0.96 1.44
CA ASN B 273 -16.22 -0.97 0.95
C ASN B 273 -16.33 -0.76 -0.56
N GLY B 274 -15.20 -0.72 -1.26
CA GLY B 274 -15.21 -0.58 -2.72
C GLY B 274 -15.15 0.86 -3.21
N PHE B 275 -15.13 1.86 -2.31
CA PHE B 275 -15.19 3.25 -2.76
C PHE B 275 -13.91 3.58 -3.51
N MET B 276 -12.74 3.17 -2.97
CA MET B 276 -11.48 3.50 -3.61
C MET B 276 -11.41 2.85 -5.00
N GLU B 277 -11.90 1.61 -5.13
CA GLU B 277 -11.87 0.94 -6.41
C GLU B 277 -12.80 1.67 -7.41
N ASP B 278 -13.95 2.15 -6.91
CA ASP B 278 -14.88 2.93 -7.72
C ASP B 278 -14.23 4.24 -8.22
N LEU B 279 -13.39 4.88 -7.39
CA LEU B 279 -12.65 6.07 -7.87
C LEU B 279 -11.71 5.67 -9.01
N ASP B 280 -11.09 4.50 -8.91
CA ASP B 280 -10.26 4.02 -10.01
C ASP B 280 -11.04 3.84 -11.30
N LYS B 281 -12.17 3.17 -11.19
CA LYS B 281 -13.03 2.94 -12.34
C LYS B 281 -13.48 4.27 -12.93
N THR B 282 -13.69 5.28 -12.09
CA THR B 282 -14.13 6.56 -12.59
C THR B 282 -13.00 7.32 -13.28
N TRP B 283 -11.82 7.40 -12.64
CA TRP B 283 -10.84 8.40 -13.04
C TRP B 283 -9.64 7.81 -13.76
N VAL B 284 -9.39 6.50 -13.66
CA VAL B 284 -8.09 5.92 -13.99
C VAL B 284 -8.22 4.86 -15.09
N ARG B 285 -9.23 3.99 -15.04
CA ARG B 285 -9.24 2.81 -15.88
C ARG B 285 -9.74 3.18 -17.30
N GLU C . -3.94 -11.99 6.77
CA GLU C . -5.35 -12.23 7.18
C GLU C . -5.61 -11.56 8.52
O GLU C . -4.68 -10.84 8.99
CB GLU C . -5.66 -13.73 7.29
CG GLU C . -6.11 -14.39 6.00
CD GLU C . -7.37 -13.81 5.35
OE1 GLU C . -7.31 -13.48 4.15
OE2 GLU C . -8.38 -13.79 6.04
OXT GLU C . -6.73 -11.78 9.03
H1 GLU C . -3.77 -12.37 5.98
H2 GLU C . -3.37 -12.32 7.40
H3 GLU C . -3.79 -11.09 6.69
HA GLU C . -5.94 -11.83 6.51
HB2 GLU C . -4.86 -14.19 7.60
HB3 GLU C . -6.37 -13.86 7.96
HG2 GLU C . -5.37 -14.33 5.34
HG3 GLU C . -6.27 -15.34 6.18
C1 GOL D . -7.64 0.50 -5.71
O1 GOL D . -7.85 -0.77 -5.07
C2 GOL D . -7.08 1.51 -4.72
O2 GOL D . -5.90 0.97 -4.16
C3 GOL D . -6.73 2.84 -5.36
O3 GOL D . -6.09 2.61 -6.60
H11 GOL D . -8.49 0.84 -6.07
H12 GOL D . -7.00 0.38 -6.45
HO1 GOL D . -8.16 -1.30 -5.65
H2 GOL D . -7.74 1.66 -4.00
HO2 GOL D . -5.35 0.82 -4.80
H31 GOL D . -6.12 3.35 -4.76
H32 GOL D . -7.56 3.38 -5.49
HO3 GOL D . -5.89 3.36 -6.94
N1 A1IME E . 7.77 5.42 -6.25
C2 A1IME E . 10.56 5.97 -5.97
C3 A1IME E . 10.05 4.69 -6.11
C4 A1IME E . 8.66 4.46 -6.24
C6 A1IME E . 7.44 7.92 -6.30
C10 A1IME E . 5.28 12.74 -6.61
C11 A1IME E . 5.83 13.25 -5.28
C1 A1IME E . 12.05 6.24 -5.91
C5 A1IME E . 8.24 6.69 -6.20
C7 A1IME E . 8.22 9.09 -6.28
C8 A1IME E . 7.78 10.46 -6.49
O1 A1IME E . 8.49 11.35 -6.00
N2 A1IME E . 6.63 10.70 -7.14
C9 A1IME E . 6.33 12.06 -7.50
N3 A1IME E . 4.15 11.78 -6.38
O2 A1IME E . 6.88 13.95 -5.29
O3 A1IME E . 5.21 12.97 -4.24
S1 A1IME E . 9.89 8.72 -6.01
C12 A1IME E . 9.64 7.00 -6.09
H4 A1IME E . 10.65 3.96 -6.05
H5 A1IME E . 8.35 3.58 -6.26
H6 A1IME E . 6.50 7.91 -6.37
H10 A1IME E . 4.92 13.51 -7.12
H2 A1IME E . 12.52 5.57 -6.43
H3 A1IME E . 12.35 6.21 -4.99
H1 A1IME E . 12.22 7.12 -6.28
H7 A1IME E . 6.12 10.06 -7.39
H8 A1IME E . 6.00 12.07 -8.42
H9 A1IME E . 7.15 12.60 -7.48
H12 A1IME E . 3.48 12.21 -5.96
H13A A1IME E . 3.85 11.46 -7.16
H13B A1IME E . 4.43 11.09 -5.86
#